data_5KQS
#
_entry.id   5KQS
#
_cell.length_a   129.340
_cell.length_b   77.480
_cell.length_c   37.030
_cell.angle_alpha   90.000
_cell.angle_beta   104.400
_cell.angle_gamma   90.000
#
_symmetry.space_group_name_H-M   'C 1 2 1'
#
loop_
_entity.id
_entity.type
_entity.pdbx_description
1 polymer Methyltransferase
2 non-polymer "7N-METHYL-8-HYDROGUANOSINE-5'-DIPHOSPHATE"
3 non-polymer GLYCEROL
4 non-polymer 'ACETATE ION'
5 non-polymer S-ADENOSYLMETHIONINE
6 non-polymer 'PHOSPHATE ION'
7 water water
#
_entity_poly.entity_id   1
_entity_poly.type   'polypeptide(L)'
_entity_poly.pdbx_seq_one_letter_code
;GSGGGTGETLGEKWKARLNQMSALEFYSYKKSGITEVCREEARRALKDGVATGGHAVSRGSAKLRWLVERGYLQPYGKVI
DLGCGRGGWSYYAATIRKVQEVKGYTKGGPGHEEPMLVQSYGWNIVRLKSGVDVFHMAAEPCDTLLCDIGESSSSPEVEE
ARTLRVLSMVGDWLEKRPGAFCIKVLCPYTSTMMETLERLQRRYGGGLVRVPLSRNSTHEMYWVSGAKSNTIKSVSTTSQ
LLLGRMDGPRRPVKYEEDVNLGSGTRAV
;
_entity_poly.pdbx_strand_id   A
#
# COMPACT_ATOMS: atom_id res chain seq x y z
N GLY A 7 9.63 -13.17 -23.40
CA GLY A 7 9.77 -11.84 -23.98
C GLY A 7 9.63 -10.74 -22.94
N GLU A 8 9.92 -9.51 -23.34
CA GLU A 8 9.82 -8.38 -22.42
C GLU A 8 8.35 -8.03 -22.16
N THR A 9 8.00 -7.90 -20.89
CA THR A 9 6.61 -7.61 -20.56
C THR A 9 6.30 -6.13 -20.75
N LEU A 10 4.99 -5.83 -20.78
CA LEU A 10 4.56 -4.43 -20.90
C LEU A 10 5.08 -3.60 -19.74
N GLY A 11 5.06 -4.17 -18.52
CA GLY A 11 5.55 -3.42 -17.37
C GLY A 11 7.05 -3.15 -17.47
N GLU A 12 7.80 -4.10 -18.01
CA GLU A 12 9.22 -3.88 -18.23
C GLU A 12 9.47 -2.78 -19.26
N LYS A 13 8.66 -2.74 -20.32
CA LYS A 13 8.76 -1.65 -21.28
C LYS A 13 8.44 -0.31 -20.63
N TRP A 14 7.44 -0.30 -19.75
CA TRP A 14 7.10 0.91 -19.02
C TRP A 14 8.27 1.38 -18.16
N LYS A 15 8.87 0.47 -17.40
CA LYS A 15 9.96 0.85 -16.50
C LYS A 15 11.14 1.42 -17.28
N ALA A 16 11.48 0.81 -18.42
CA ALA A 16 12.57 1.32 -19.24
C ALA A 16 12.26 2.72 -19.76
N ARG A 17 11.04 2.94 -20.25
CA ARG A 17 10.67 4.26 -20.75
C ARG A 17 10.65 5.28 -19.61
N LEU A 18 10.18 4.88 -18.43
CA LEU A 18 10.18 5.77 -17.29
C LEU A 18 11.57 6.30 -17.00
N ASN A 19 12.56 5.41 -16.95
CA ASN A 19 13.92 5.81 -16.65
C ASN A 19 14.54 6.68 -17.73
N GLN A 20 14.00 6.65 -18.95
CA GLN A 20 14.53 7.49 -20.02
C GLN A 20 13.99 8.91 -20.01
N MET A 21 12.92 9.16 -19.24
CA MET A 21 12.30 10.48 -19.28
C MET A 21 13.23 11.54 -18.72
N SER A 22 13.14 12.75 -19.30
CA SER A 22 13.82 13.88 -18.70
C SER A 22 13.19 14.21 -17.35
N ALA A 23 13.91 14.99 -16.55
CA ALA A 23 13.41 15.34 -15.23
C ALA A 23 12.10 16.11 -15.32
N LEU A 24 11.99 17.01 -16.30
CA LEU A 24 10.76 17.76 -16.48
C LEU A 24 9.62 16.86 -16.96
N GLU A 25 9.91 15.95 -17.90
CA GLU A 25 8.88 15.00 -18.33
CA GLU A 25 8.89 14.98 -18.33
C GLU A 25 8.41 14.15 -17.16
N PHE A 26 9.35 13.64 -16.36
CA PHE A 26 9.02 12.78 -15.25
C PHE A 26 8.14 13.49 -14.22
N TYR A 27 8.46 14.76 -13.92
CA TYR A 27 7.68 15.49 -12.93
C TYR A 27 6.21 15.57 -13.31
N SER A 28 5.92 15.85 -14.58
CA SER A 28 4.53 15.92 -15.05
C SER A 28 3.90 14.54 -15.13
N TYR A 29 4.65 13.55 -15.63
CA TYR A 29 4.10 12.23 -15.82
C TYR A 29 3.66 11.60 -14.50
N LYS A 30 4.44 11.81 -13.45
CA LYS A 30 4.24 11.11 -12.18
CA LYS A 30 4.22 11.05 -12.22
C LYS A 30 2.82 11.26 -11.66
N LYS A 31 2.21 12.43 -11.83
CA LYS A 31 0.87 12.67 -11.31
C LYS A 31 -0.20 12.82 -12.39
N SER A 32 0.15 12.59 -13.66
CA SER A 32 -0.81 12.80 -14.74
C SER A 32 -2.04 11.90 -14.57
N GLY A 33 -3.21 12.52 -14.39
CA GLY A 33 -4.45 11.79 -14.32
C GLY A 33 -4.68 10.96 -13.07
N ILE A 34 -3.83 11.07 -12.06
CA ILE A 34 -4.01 10.24 -10.86
C ILE A 34 -5.03 10.87 -9.95
N THR A 35 -5.43 10.11 -8.93
CA THR A 35 -6.28 10.61 -7.85
C THR A 35 -5.37 11.01 -6.69
N GLU A 36 -5.72 12.09 -6.01
CA GLU A 36 -4.92 12.60 -4.92
C GLU A 36 -5.83 13.18 -3.84
N VAL A 37 -5.48 12.94 -2.57
CA VAL A 37 -6.13 13.62 -1.46
C VAL A 37 -5.36 14.89 -1.14
N CYS A 38 -6.11 15.91 -0.72
CA CYS A 38 -5.52 17.18 -0.31
C CYS A 38 -4.98 17.04 1.11
N ARG A 39 -3.69 17.31 1.29
CA ARG A 39 -3.01 17.05 2.55
C ARG A 39 -2.53 18.30 3.26
N GLU A 40 -2.73 19.49 2.65
CA GLU A 40 -2.17 20.71 3.24
C GLU A 40 -2.69 20.95 4.64
N GLU A 41 -4.00 20.75 4.86
CA GLU A 41 -4.58 20.98 6.19
C GLU A 41 -4.00 20.00 7.22
N ALA A 42 -3.93 18.71 6.86
CA ALA A 42 -3.43 17.73 7.81
C ALA A 42 -1.96 17.95 8.13
N ARG A 43 -1.15 18.28 7.10
CA ARG A 43 0.29 18.45 7.31
C ARG A 43 0.58 19.60 8.28
N ARG A 44 -0.11 20.73 8.10
CA ARG A 44 0.12 21.87 8.98
C ARG A 44 -0.29 21.55 10.42
N ALA A 45 -1.35 20.77 10.59
CA ALA A 45 -1.80 20.44 11.94
C ALA A 45 -0.83 19.46 12.62
N LEU A 46 -0.34 18.47 11.87
CA LEU A 46 0.64 17.54 12.42
C LEU A 46 1.94 18.24 12.77
N LYS A 47 2.25 19.34 12.09
CA LYS A 47 3.43 20.13 12.43
C LYS A 47 3.19 20.96 13.69
N ASP A 48 2.01 21.56 13.81
CA ASP A 48 1.66 22.33 14.99
C ASP A 48 0.98 21.46 16.05
N ALA A 51 -2.74 16.57 17.89
CA ALA A 51 -3.04 15.14 18.03
C ALA A 51 -4.52 14.86 17.81
N THR A 52 -5.32 15.92 17.84
CA THR A 52 -6.75 15.82 17.59
C THR A 52 -7.04 16.30 16.17
N GLY A 53 -8.33 16.47 15.86
CA GLY A 53 -8.75 17.00 14.58
C GLY A 53 -9.12 15.96 13.54
N GLY A 54 -8.78 14.70 13.76
CA GLY A 54 -9.12 13.67 12.80
C GLY A 54 -8.20 13.56 11.60
N HIS A 55 -7.09 14.28 11.61
CA HIS A 55 -6.19 14.26 10.45
C HIS A 55 -5.45 12.94 10.38
N ALA A 56 -5.29 12.44 9.15
CA ALA A 56 -4.49 11.25 8.91
C ALA A 56 -3.01 11.61 8.97
N VAL A 57 -2.20 10.67 9.47
CA VAL A 57 -0.77 10.93 9.65
C VAL A 57 0.00 10.81 8.36
N SER A 58 -0.62 10.27 7.31
CA SER A 58 0.03 10.09 6.02
C SER A 58 -1.05 9.89 4.97
N ARG A 59 -0.64 9.94 3.70
CA ARG A 59 -1.60 9.62 2.65
CA ARG A 59 -1.53 9.62 2.59
C ARG A 59 -1.91 8.14 2.56
N GLY A 60 -1.30 7.32 3.42
CA GLY A 60 -1.60 5.90 3.41
C GLY A 60 -3.01 5.59 3.86
N SER A 61 -3.54 6.38 4.81
CA SER A 61 -4.92 6.15 5.24
C SER A 61 -5.86 6.19 4.04
N ALA A 62 -5.65 7.14 3.13
CA ALA A 62 -6.54 7.28 1.98
C ALA A 62 -6.40 6.10 1.02
N LYS A 63 -5.20 5.53 0.89
CA LYS A 63 -5.05 4.38 0.01
C LYS A 63 -5.81 3.17 0.57
N LEU A 64 -5.66 2.91 1.86
CA LEU A 64 -6.38 1.79 2.45
C LEU A 64 -7.88 2.05 2.47
N ARG A 65 -8.28 3.31 2.72
CA ARG A 65 -9.71 3.66 2.66
C ARG A 65 -10.29 3.35 1.29
N TRP A 66 -9.54 3.64 0.21
CA TRP A 66 -10.04 3.36 -1.13
C TRP A 66 -10.40 1.90 -1.28
N LEU A 67 -9.52 1.02 -0.79
CA LEU A 67 -9.75 -0.42 -0.93
C LEU A 67 -10.91 -0.88 -0.05
N VAL A 68 -10.96 -0.39 1.19
CA VAL A 68 -11.99 -0.83 2.13
C VAL A 68 -13.37 -0.37 1.67
N GLU A 69 -13.47 0.86 1.21
CA GLU A 69 -14.78 1.38 0.83
C GLU A 69 -15.36 0.68 -0.40
N ARG A 70 -14.52 0.04 -1.19
CA ARG A 70 -14.95 -0.71 -2.37
C ARG A 70 -15.06 -2.20 -2.13
N GLY A 71 -14.91 -2.65 -0.89
CA GLY A 71 -15.08 -4.04 -0.56
C GLY A 71 -13.88 -4.92 -0.84
N TYR A 72 -12.75 -4.34 -1.25
CA TYR A 72 -11.58 -5.15 -1.55
C TYR A 72 -10.97 -5.76 -0.30
N LEU A 73 -11.28 -5.23 0.88
CA LEU A 73 -11.07 -6.00 2.09
C LEU A 73 -11.95 -5.42 3.19
N GLN A 74 -12.19 -6.26 4.18
CA GLN A 74 -13.09 -5.94 5.27
C GLN A 74 -12.34 -6.27 6.55
N PRO A 75 -11.59 -5.31 7.08
CA PRO A 75 -10.78 -5.58 8.27
C PRO A 75 -11.65 -5.92 9.47
N TYR A 76 -11.12 -6.79 10.32
CA TYR A 76 -11.84 -7.21 11.52
C TYR A 76 -10.86 -7.79 12.52
N GLY A 77 -11.27 -7.83 13.78
CA GLY A 77 -10.54 -8.59 14.77
C GLY A 77 -9.20 -7.98 15.11
N LYS A 78 -8.18 -8.84 15.26
CA LYS A 78 -6.81 -8.41 15.49
C LYS A 78 -6.12 -8.11 14.16
N VAL A 79 -5.69 -6.87 13.99
CA VAL A 79 -5.03 -6.40 12.77
C VAL A 79 -3.53 -6.29 13.06
N ILE A 80 -2.71 -6.88 12.19
CA ILE A 80 -1.27 -6.70 12.25
C ILE A 80 -0.87 -5.89 11.02
N ASP A 81 -0.08 -4.83 11.23
CA ASP A 81 0.33 -3.89 10.17
C ASP A 81 1.84 -3.91 10.09
N LEU A 82 2.38 -4.64 9.12
CA LEU A 82 3.82 -4.78 8.92
C LEU A 82 4.35 -3.62 8.07
N GLY A 83 5.38 -2.93 8.58
CA GLY A 83 5.90 -1.75 7.91
C GLY A 83 4.96 -0.58 8.11
N CYS A 84 4.61 -0.29 9.36
CA CYS A 84 3.55 0.66 9.62
C CYS A 84 3.97 2.11 9.38
N GLY A 85 5.27 2.41 9.41
CA GLY A 85 5.71 3.79 9.23
C GLY A 85 5.10 4.68 10.29
N ARG A 86 4.61 5.85 9.84
CA ARG A 86 3.97 6.78 10.75
C ARG A 86 2.68 6.22 11.34
N GLY A 87 2.02 5.31 10.65
CA GLY A 87 0.84 4.66 11.18
C GLY A 87 -0.45 4.85 10.41
N GLY A 88 -0.39 5.36 9.18
CA GLY A 88 -1.63 5.69 8.47
C GLY A 88 -2.58 4.53 8.30
N TRP A 89 -2.07 3.34 8.00
CA TRP A 89 -2.97 2.20 7.85
C TRP A 89 -3.50 1.74 9.20
N SER A 90 -2.66 1.78 10.24
CA SER A 90 -3.08 1.31 11.55
C SER A 90 -4.15 2.21 12.15
N TYR A 91 -3.99 3.53 12.03
CA TYR A 91 -5.01 4.42 12.56
C TYR A 91 -6.31 4.35 11.76
N TYR A 92 -6.23 4.16 10.44
CA TYR A 92 -7.47 3.96 9.69
C TYR A 92 -8.15 2.67 10.11
N ALA A 93 -7.40 1.58 10.25
CA ALA A 93 -7.98 0.31 10.65
C ALA A 93 -8.69 0.43 11.99
N ALA A 94 -8.15 1.23 12.91
CA ALA A 94 -8.73 1.35 14.24
C ALA A 94 -10.09 2.03 14.26
N THR A 95 -10.49 2.70 13.16
CA THR A 95 -11.81 3.31 13.10
C THR A 95 -12.89 2.35 12.62
N ILE A 96 -12.51 1.16 12.17
CA ILE A 96 -13.45 0.22 11.57
C ILE A 96 -14.14 -0.59 12.66
N ARG A 97 -15.47 -0.66 12.60
CA ARG A 97 -16.26 -1.20 13.71
C ARG A 97 -15.84 -2.63 14.08
N LYS A 98 -15.60 -3.49 13.09
CA LYS A 98 -15.27 -4.86 13.41
C LYS A 98 -13.84 -5.07 13.90
N VAL A 99 -12.97 -4.07 13.75
CA VAL A 99 -11.60 -4.18 14.25
C VAL A 99 -11.59 -3.98 15.76
N GLN A 100 -10.80 -4.81 16.45
CA GLN A 100 -10.72 -4.75 17.91
C GLN A 100 -9.35 -4.40 18.46
N GLU A 101 -8.28 -4.59 17.70
CA GLU A 101 -6.91 -4.36 18.17
C GLU A 101 -6.05 -4.18 16.94
N VAL A 102 -5.11 -3.23 16.99
CA VAL A 102 -4.20 -2.99 15.88
C VAL A 102 -2.79 -2.98 16.42
N LYS A 103 -1.92 -3.81 15.83
CA LYS A 103 -0.51 -3.87 16.21
C LYS A 103 0.32 -3.58 14.97
N GLY A 104 1.02 -2.44 14.99
CA GLY A 104 1.89 -2.05 13.90
C GLY A 104 3.35 -2.23 14.26
N TYR A 105 4.16 -2.60 13.27
CA TYR A 105 5.60 -2.78 13.45
C TYR A 105 6.34 -2.07 12.34
N THR A 106 7.43 -1.39 12.68
CA THR A 106 8.20 -0.68 11.68
C THR A 106 9.65 -0.53 12.14
N LYS A 107 10.55 -0.36 11.16
CA LYS A 107 11.97 -0.28 11.44
C LYS A 107 12.32 1.01 12.19
N GLY A 108 11.83 2.14 11.69
CA GLY A 108 12.19 3.44 12.26
C GLY A 108 13.69 3.69 12.20
N GLY A 109 14.14 4.58 13.07
CA GLY A 109 15.53 4.97 13.11
C GLY A 109 15.89 5.96 12.03
N PRO A 110 17.13 6.45 12.06
CA PRO A 110 17.57 7.45 11.08
C PRO A 110 17.30 7.02 9.65
N GLY A 111 16.78 7.95 8.85
CA GLY A 111 16.44 7.70 7.46
C GLY A 111 15.07 7.10 7.21
N HIS A 112 14.31 6.79 8.25
CA HIS A 112 13.04 6.10 8.08
C HIS A 112 11.96 6.74 8.93
N GLU A 113 10.71 6.47 8.56
CA GLU A 113 9.59 7.04 9.31
C GLU A 113 9.43 6.34 10.66
N GLU A 114 9.18 7.14 11.69
CA GLU A 114 8.85 6.65 13.01
C GLU A 114 7.34 6.76 13.22
N PRO A 115 6.76 5.88 14.05
CA PRO A 115 5.34 6.01 14.38
C PRO A 115 5.02 7.38 14.95
N MET A 116 3.90 7.94 14.51
CA MET A 116 3.36 9.16 15.08
C MET A 116 2.24 8.81 16.04
N LEU A 117 2.22 9.49 17.17
CA LEU A 117 1.19 9.27 18.18
C LEU A 117 0.14 10.37 18.03
N VAL A 118 -1.05 9.99 17.59
CA VAL A 118 -2.18 10.91 17.47
C VAL A 118 -3.40 10.25 18.12
N GLN A 119 -4.43 11.05 18.34
CA GLN A 119 -5.62 10.57 19.02
C GLN A 119 -6.83 10.62 18.10
N SER A 120 -6.67 10.08 16.89
CA SER A 120 -7.82 9.80 16.04
C SER A 120 -8.69 8.71 16.67
N TYR A 121 -9.89 8.54 16.15
CA TYR A 121 -10.87 7.64 16.75
C TYR A 121 -10.31 6.22 16.85
N GLY A 122 -10.35 5.67 18.06
CA GLY A 122 -9.82 4.34 18.29
C GLY A 122 -8.35 4.26 18.61
N TRP A 123 -7.69 5.40 18.89
CA TRP A 123 -6.26 5.37 19.11
C TRP A 123 -5.87 4.43 20.26
N ASN A 124 -6.78 4.22 21.22
CA ASN A 124 -6.42 3.42 22.40
C ASN A 124 -6.31 1.93 22.11
N ILE A 125 -6.78 1.46 20.95
CA ILE A 125 -6.59 0.05 20.58
C ILE A 125 -5.39 -0.14 19.64
N VAL A 126 -4.60 0.91 19.41
CA VAL A 126 -3.44 0.86 18.51
C VAL A 126 -2.15 0.81 19.33
N ARG A 127 -1.24 -0.09 18.95
CA ARG A 127 0.11 -0.11 19.50
C ARG A 127 1.04 -0.15 18.30
N LEU A 128 1.88 0.87 18.14
CA LEU A 128 2.87 0.93 17.09
C LEU A 128 4.25 0.76 17.70
N LYS A 129 5.02 -0.18 17.18
CA LYS A 129 6.34 -0.51 17.72
C LYS A 129 7.38 -0.22 16.65
N SER A 130 8.33 0.63 16.99
CA SER A 130 9.46 0.96 16.12
C SER A 130 10.68 0.13 16.53
N GLY A 131 11.73 0.23 15.71
CA GLY A 131 12.93 -0.53 15.98
C GLY A 131 12.81 -2.02 15.69
N VAL A 132 11.85 -2.41 14.86
CA VAL A 132 11.56 -3.82 14.59
C VAL A 132 11.87 -4.10 13.12
N ASP A 133 12.66 -5.15 12.87
CA ASP A 133 12.88 -5.67 11.52
C ASP A 133 11.93 -6.85 11.33
N VAL A 134 10.89 -6.66 10.50
CA VAL A 134 9.87 -7.69 10.35
C VAL A 134 10.43 -8.97 9.75
N PHE A 135 11.56 -8.89 9.03
CA PHE A 135 12.15 -10.11 8.49
C PHE A 135 12.80 -10.96 9.56
N HIS A 136 12.94 -10.45 10.79
CA HIS A 136 13.46 -11.23 11.91
C HIS A 136 12.41 -11.44 13.00
N MET A 137 11.14 -11.23 12.66
CA MET A 137 10.02 -11.42 13.57
C MET A 137 9.39 -12.78 13.32
N ALA A 138 9.10 -13.52 14.39
CA ALA A 138 8.27 -14.70 14.24
C ALA A 138 6.85 -14.30 13.86
N ALA A 139 6.28 -14.99 12.87
CA ALA A 139 4.90 -14.74 12.51
C ALA A 139 3.97 -15.08 13.67
N GLU A 140 2.90 -14.30 13.81
CA GLU A 140 1.89 -14.45 14.84
C GLU A 140 0.52 -14.60 14.18
N PRO A 141 -0.41 -15.30 14.83
CA PRO A 141 -1.78 -15.37 14.29
C PRO A 141 -2.44 -14.00 14.34
N CYS A 142 -3.24 -13.71 13.32
CA CYS A 142 -4.07 -12.51 13.35
C CYS A 142 -5.29 -12.75 12.47
N ASP A 143 -6.24 -11.81 12.55
CA ASP A 143 -7.43 -11.89 11.73
C ASP A 143 -7.26 -11.12 10.43
N THR A 144 -6.60 -9.96 10.49
CA THR A 144 -6.35 -9.12 9.31
C THR A 144 -4.87 -8.84 9.23
N LEU A 145 -4.26 -9.17 8.09
CA LEU A 145 -2.82 -8.97 7.89
C LEU A 145 -2.63 -7.87 6.86
N LEU A 146 -1.94 -6.79 7.26
CA LEU A 146 -1.60 -5.70 6.36
C LEU A 146 -0.09 -5.63 6.24
N CYS A 147 0.41 -5.31 5.03
CA CYS A 147 1.84 -5.11 4.85
C CYS A 147 2.00 -4.11 3.73
N ASP A 148 2.78 -3.04 3.98
CA ASP A 148 2.98 -1.97 3.00
C ASP A 148 4.45 -1.74 2.75
N ILE A 149 5.22 -2.81 2.63
CA ILE A 149 6.67 -2.74 2.48
C ILE A 149 7.04 -2.94 1.01
N GLY A 150 7.97 -2.11 0.52
CA GLY A 150 8.53 -2.29 -0.80
C GLY A 150 9.12 -0.98 -1.28
N GLU A 151 10.43 -0.86 -1.26
CA GLU A 151 11.14 0.37 -1.61
C GLU A 151 11.43 0.38 -3.11
N SER A 152 11.02 1.46 -3.78
CA SER A 152 11.22 1.57 -5.22
C SER A 152 12.71 1.55 -5.55
N SER A 153 13.01 1.07 -6.75
CA SER A 153 14.36 1.14 -7.29
C SER A 153 14.26 1.40 -8.78
N SER A 154 15.21 2.17 -9.31
CA SER A 154 15.23 2.34 -10.76
C SER A 154 15.53 1.03 -11.50
N SER A 155 16.06 0.02 -10.79
CA SER A 155 16.34 -1.28 -11.41
C SER A 155 15.13 -2.18 -11.25
N PRO A 156 14.51 -2.66 -12.34
CA PRO A 156 13.43 -3.63 -12.18
C PRO A 156 13.87 -4.90 -11.49
N GLU A 157 15.13 -5.33 -11.67
CA GLU A 157 15.59 -6.53 -10.98
C GLU A 157 15.63 -6.32 -9.48
N VAL A 158 16.05 -5.13 -9.04
CA VAL A 158 16.04 -4.85 -7.61
C VAL A 158 14.61 -4.82 -7.08
N GLU A 159 13.68 -4.21 -7.83
CA GLU A 159 12.29 -4.24 -7.39
C GLU A 159 11.78 -5.67 -7.30
N GLU A 160 12.12 -6.52 -8.27
CA GLU A 160 11.73 -7.92 -8.18
C GLU A 160 12.31 -8.59 -6.94
N ALA A 161 13.63 -8.43 -6.73
CA ALA A 161 14.27 -9.09 -5.58
C ALA A 161 13.65 -8.64 -4.27
N ARG A 162 13.32 -7.35 -4.16
CA ARG A 162 12.70 -6.83 -2.95
C ARG A 162 11.30 -7.37 -2.77
N THR A 163 10.54 -7.47 -3.86
CA THR A 163 9.17 -7.98 -3.76
C THR A 163 9.16 -9.46 -3.40
N LEU A 164 10.05 -10.25 -4.01
CA LEU A 164 10.18 -11.65 -3.63
C LEU A 164 10.49 -11.79 -2.15
N ARG A 165 11.37 -10.92 -1.63
CA ARG A 165 11.70 -10.98 -0.21
C ARG A 165 10.48 -10.68 0.67
N VAL A 166 9.72 -9.64 0.33
CA VAL A 166 8.50 -9.31 1.08
C VAL A 166 7.53 -10.47 1.05
N LEU A 167 7.30 -11.04 -0.15
CA LEU A 167 6.28 -12.08 -0.27
C LEU A 167 6.68 -13.38 0.43
N SER A 168 7.97 -13.71 0.44
CA SER A 168 8.42 -14.89 1.18
C SER A 168 8.15 -14.72 2.67
N MET A 169 8.42 -13.53 3.20
CA MET A 169 8.13 -13.22 4.59
C MET A 169 6.63 -13.25 4.86
N VAL A 170 5.83 -12.65 3.97
CA VAL A 170 4.39 -12.58 4.19
C VAL A 170 3.76 -13.95 4.20
N GLY A 171 4.30 -14.88 3.40
CA GLY A 171 3.75 -16.23 3.39
C GLY A 171 3.76 -16.89 4.76
N ASP A 172 4.78 -16.60 5.57
CA ASP A 172 4.83 -17.16 6.92
C ASP A 172 3.66 -16.68 7.77
N TRP A 173 3.24 -15.44 7.56
CA TRP A 173 2.08 -14.89 8.25
C TRP A 173 0.78 -15.42 7.67
N LEU A 174 0.70 -15.56 6.35
CA LEU A 174 -0.51 -16.07 5.73
C LEU A 174 -0.76 -17.53 6.08
N GLU A 175 0.28 -18.27 6.45
CA GLU A 175 0.09 -19.63 6.91
C GLU A 175 -0.77 -19.72 8.17
N LYS A 176 -0.87 -18.63 8.93
CA LYS A 176 -1.78 -18.58 10.07
C LYS A 176 -3.23 -18.34 9.65
N ARG A 177 -3.48 -18.13 8.36
CA ARG A 177 -4.81 -17.99 7.77
C ARG A 177 -5.62 -16.83 8.33
N PRO A 178 -5.14 -15.59 8.22
CA PRO A 178 -6.02 -14.44 8.43
C PRO A 178 -7.13 -14.46 7.40
N GLY A 179 -8.32 -14.00 7.80
CA GLY A 179 -9.44 -13.94 6.89
C GLY A 179 -9.44 -12.74 5.97
N ALA A 180 -8.67 -11.70 6.31
CA ALA A 180 -8.55 -10.51 5.48
C ALA A 180 -7.08 -10.14 5.37
N PHE A 181 -6.69 -9.65 4.19
CA PHE A 181 -5.31 -9.21 4.03
C PHE A 181 -5.18 -8.16 2.94
N CYS A 182 -4.13 -7.34 3.07
CA CYS A 182 -3.80 -6.34 2.05
C CYS A 182 -2.30 -6.17 2.06
N ILE A 183 -1.64 -6.59 0.97
CA ILE A 183 -0.19 -6.71 0.89
C ILE A 183 0.28 -5.91 -0.33
N LYS A 184 1.17 -4.94 -0.11
CA LYS A 184 1.75 -4.22 -1.23
C LYS A 184 2.63 -5.14 -2.06
N VAL A 185 2.45 -5.09 -3.38
CA VAL A 185 3.29 -5.82 -4.33
C VAL A 185 4.01 -4.75 -5.15
N LEU A 186 5.25 -4.45 -4.78
CA LEU A 186 5.99 -3.37 -5.43
C LEU A 186 6.16 -3.62 -6.91
N CYS A 187 6.60 -4.82 -7.26
CA CYS A 187 6.89 -5.20 -8.64
C CYS A 187 6.04 -6.39 -9.01
N PRO A 188 4.90 -6.20 -9.70
CA PRO A 188 4.13 -7.35 -10.19
C PRO A 188 4.39 -7.69 -11.67
N TYR A 189 5.36 -7.04 -12.32
CA TYR A 189 5.35 -6.91 -13.77
C TYR A 189 6.42 -7.74 -14.48
N THR A 190 7.26 -8.48 -13.78
CA THR A 190 8.17 -9.37 -14.48
C THR A 190 7.54 -10.75 -14.60
N SER A 191 8.11 -11.56 -15.49
CA SER A 191 7.59 -12.92 -15.67
C SER A 191 7.68 -13.70 -14.37
N THR A 192 8.81 -13.61 -13.68
CA THR A 192 8.96 -14.32 -12.41
C THR A 192 7.90 -13.87 -11.41
N MET A 193 7.66 -12.56 -11.32
CA MET A 193 6.68 -12.07 -10.37
C MET A 193 5.28 -12.52 -10.71
N MET A 194 4.91 -12.50 -11.99
CA MET A 194 3.57 -12.95 -12.35
C MET A 194 3.37 -14.42 -12.00
N GLU A 195 4.37 -15.26 -12.26
CA GLU A 195 4.28 -16.67 -11.88
C GLU A 195 4.19 -16.83 -10.37
N THR A 196 4.99 -16.06 -9.62
CA THR A 196 4.97 -16.11 -8.16
C THR A 196 3.59 -15.71 -7.63
N LEU A 197 3.04 -14.62 -8.17
CA LEU A 197 1.75 -14.13 -7.70
C LEU A 197 0.63 -15.10 -8.05
N GLU A 198 0.70 -15.76 -9.21
CA GLU A 198 -0.29 -16.77 -9.56
C GLU A 198 -0.27 -17.92 -8.56
N ARG A 199 0.92 -18.39 -8.18
CA ARG A 199 1.03 -19.47 -7.21
CA ARG A 199 1.03 -19.47 -7.21
C ARG A 199 0.51 -19.03 -5.84
N LEU A 200 0.82 -17.80 -5.43
CA LEU A 200 0.34 -17.32 -4.14
C LEU A 200 -1.18 -17.21 -4.12
N GLN A 201 -1.78 -16.73 -5.20
CA GLN A 201 -3.23 -16.65 -5.26
C GLN A 201 -3.88 -18.03 -5.23
N ARG A 202 -3.24 -19.04 -5.86
CA ARG A 202 -3.81 -20.38 -5.80
C ARG A 202 -3.75 -20.94 -4.38
N ARG A 203 -2.74 -20.54 -3.61
CA ARG A 203 -2.58 -21.07 -2.26
C ARG A 203 -3.41 -20.32 -1.23
N TYR A 204 -3.43 -18.99 -1.31
CA TYR A 204 -4.02 -18.16 -0.27
C TYR A 204 -5.23 -17.37 -0.71
N GLY A 205 -5.55 -17.34 -2.00
CA GLY A 205 -6.73 -16.62 -2.46
C GLY A 205 -6.44 -15.15 -2.74
N GLY A 206 -7.54 -14.39 -2.85
CA GLY A 206 -7.43 -12.98 -3.14
C GLY A 206 -7.08 -12.70 -4.59
N GLY A 207 -6.72 -11.43 -4.82
CA GLY A 207 -6.38 -10.97 -6.16
C GLY A 207 -5.71 -9.61 -6.07
N LEU A 208 -5.27 -9.12 -7.22
CA LEU A 208 -4.49 -7.89 -7.30
C LEU A 208 -5.35 -6.72 -7.74
N VAL A 209 -5.11 -5.55 -7.14
CA VAL A 209 -5.85 -4.34 -7.44
C VAL A 209 -4.87 -3.17 -7.55
N ARG A 210 -5.07 -2.34 -8.57
CA ARG A 210 -4.34 -1.09 -8.70
C ARG A 210 -5.16 0.02 -8.06
N VAL A 211 -4.55 0.74 -7.12
CA VAL A 211 -5.23 1.84 -6.44
C VAL A 211 -4.92 3.12 -7.20
N PRO A 212 -5.94 3.89 -7.61
CA PRO A 212 -5.68 5.06 -8.48
C PRO A 212 -4.96 6.21 -7.78
N LEU A 213 -4.81 6.16 -6.45
CA LEU A 213 -3.98 7.12 -5.71
C LEU A 213 -2.50 6.84 -5.85
N SER A 214 -2.11 5.69 -6.37
CA SER A 214 -0.70 5.44 -6.64
C SER A 214 -0.22 6.34 -7.76
N ARG A 215 1.02 6.82 -7.64
CA ARG A 215 1.58 7.65 -8.69
C ARG A 215 1.93 6.79 -9.91
N ASN A 216 1.98 7.45 -11.08
CA ASN A 216 2.33 6.73 -12.30
C ASN A 216 3.78 6.28 -12.33
N SER A 217 4.62 6.79 -11.42
CA SER A 217 6.03 6.41 -11.37
C SER A 217 6.28 5.10 -10.63
N THR A 218 5.24 4.43 -10.13
CA THR A 218 5.39 3.10 -9.56
C THR A 218 4.32 2.18 -10.13
N HIS A 219 4.69 0.91 -10.28
CA HIS A 219 3.77 -0.11 -10.75
C HIS A 219 3.12 -0.87 -9.59
N GLU A 220 3.22 -0.34 -8.37
CA GLU A 220 2.72 -1.08 -7.22
C GLU A 220 1.26 -1.48 -7.38
N MET A 221 0.93 -2.67 -6.91
CA MET A 221 -0.45 -3.12 -6.81
C MET A 221 -0.61 -3.73 -5.44
N TYR A 222 -1.86 -3.93 -5.03
CA TYR A 222 -2.15 -4.49 -3.72
C TYR A 222 -2.84 -5.83 -3.86
N TRP A 223 -2.27 -6.83 -3.20
CA TRP A 223 -2.85 -8.17 -3.16
C TRP A 223 -3.80 -8.18 -1.97
N VAL A 224 -5.10 -8.33 -2.26
CA VAL A 224 -6.15 -8.12 -1.26
C VAL A 224 -7.07 -9.32 -1.23
N SER A 225 -7.64 -9.57 -0.06
CA SER A 225 -8.45 -10.78 0.14
C SER A 225 -9.81 -10.70 -0.54
N GLY A 226 -10.28 -9.50 -0.85
CA GLY A 226 -11.60 -9.31 -1.40
C GLY A 226 -11.64 -9.14 -2.91
N ALA A 227 -10.55 -9.51 -3.58
CA ALA A 227 -10.49 -9.52 -5.03
C ALA A 227 -10.42 -10.96 -5.54
N LYS A 228 -10.76 -11.13 -6.82
CA LYS A 228 -10.68 -12.44 -7.47
C LYS A 228 -10.05 -12.37 -8.85
N SER A 229 -9.33 -11.29 -9.17
CA SER A 229 -8.96 -11.03 -10.55
C SER A 229 -7.84 -11.98 -11.03
N ASN A 230 -7.76 -12.13 -12.35
CA ASN A 230 -6.66 -12.86 -12.95
C ASN A 230 -5.38 -12.05 -12.82
N THR A 231 -4.29 -12.71 -12.41
CA THR A 231 -3.01 -12.02 -12.28
C THR A 231 -2.60 -11.39 -13.59
N ILE A 232 -2.55 -12.18 -14.67
CA ILE A 232 -2.05 -11.68 -15.94
C ILE A 232 -2.89 -10.51 -16.43
N LYS A 233 -4.22 -10.63 -16.34
CA LYS A 233 -5.10 -9.58 -16.85
C LYS A 233 -4.96 -8.30 -16.04
N SER A 234 -4.99 -8.41 -14.71
CA SER A 234 -4.96 -7.20 -13.89
C SER A 234 -3.61 -6.47 -14.02
N VAL A 235 -2.51 -7.23 -14.09
CA VAL A 235 -1.20 -6.60 -14.22
C VAL A 235 -1.06 -5.94 -15.58
N SER A 236 -1.46 -6.65 -16.64
CA SER A 236 -1.31 -6.10 -17.98
CA SER A 236 -1.31 -6.10 -17.98
C SER A 236 -2.20 -4.87 -18.17
N THR A 237 -3.40 -4.88 -17.60
CA THR A 237 -4.27 -3.71 -17.68
C THR A 237 -3.62 -2.51 -17.02
N THR A 238 -2.96 -2.72 -15.88
CA THR A 238 -2.25 -1.64 -15.21
C THR A 238 -1.07 -1.15 -16.04
N SER A 239 -0.29 -2.07 -16.62
CA SER A 239 0.83 -1.66 -17.46
C SER A 239 0.34 -0.82 -18.64
N GLN A 240 -0.77 -1.23 -19.27
CA GLN A 240 -1.29 -0.48 -20.40
C GLN A 240 -1.74 0.92 -20.00
N LEU A 241 -2.37 1.04 -18.82
CA LEU A 241 -2.76 2.35 -18.32
C LEU A 241 -1.54 3.25 -18.14
N LEU A 242 -0.49 2.72 -17.51
CA LEU A 242 0.70 3.52 -17.24
C LEU A 242 1.43 3.89 -18.52
N LEU A 243 1.49 2.97 -19.48
CA LEU A 243 2.11 3.28 -20.76
C LEU A 243 1.31 4.34 -21.51
N GLY A 244 -0.03 4.23 -21.49
CA GLY A 244 -0.85 5.19 -22.21
C GLY A 244 -0.69 6.61 -21.69
N ARG A 245 -0.48 6.77 -20.38
CA ARG A 245 -0.27 8.09 -19.81
C ARG A 245 1.09 8.69 -20.14
N MET A 246 1.99 7.91 -20.75
CA MET A 246 3.27 8.47 -21.18
C MET A 246 3.16 9.23 -22.49
N ASP A 247 2.04 9.13 -23.20
CA ASP A 247 1.82 9.81 -24.46
C ASP A 247 0.77 10.88 -24.29
N GLY A 248 0.90 11.96 -25.05
CA GLY A 248 -0.10 13.00 -25.06
C GLY A 248 0.04 14.00 -23.93
N PRO A 249 -1.00 14.78 -23.71
CA PRO A 249 -0.93 15.87 -22.74
C PRO A 249 -1.01 15.40 -21.31
N ARG A 250 -0.57 16.26 -20.40
CA ARG A 250 -0.77 16.05 -18.98
C ARG A 250 -2.27 16.04 -18.70
N ARG A 251 -2.73 15.00 -18.01
CA ARG A 251 -4.14 14.88 -17.65
C ARG A 251 -4.37 15.42 -16.25
N PRO A 252 -5.53 16.03 -15.99
CA PRO A 252 -5.75 16.65 -14.68
C PRO A 252 -5.80 15.62 -13.56
N VAL A 253 -5.29 16.03 -12.40
CA VAL A 253 -5.43 15.22 -11.18
C VAL A 253 -6.87 15.28 -10.72
N LYS A 254 -7.38 14.14 -10.26
CA LYS A 254 -8.69 14.06 -9.62
C LYS A 254 -8.47 14.19 -8.12
N TYR A 255 -8.83 15.34 -7.55
CA TYR A 255 -8.63 15.59 -6.14
C TYR A 255 -9.86 15.18 -5.34
N GLU A 256 -9.63 14.59 -4.18
CA GLU A 256 -10.70 14.27 -3.25
C GLU A 256 -10.32 14.73 -1.84
N GLU A 257 -11.33 14.82 -0.98
CA GLU A 257 -11.09 15.19 0.41
C GLU A 257 -10.32 14.09 1.11
N ASP A 258 -9.36 14.49 1.95
CA ASP A 258 -8.62 13.49 2.72
C ASP A 258 -9.55 12.87 3.77
N VAL A 259 -9.13 11.73 4.28
CA VAL A 259 -9.96 11.03 5.26
C VAL A 259 -9.93 11.80 6.57
N ASN A 260 -11.10 11.93 7.19
CA ASN A 260 -11.17 12.43 8.54
C ASN A 260 -11.40 11.24 9.46
N LEU A 261 -10.44 10.98 10.32
CA LEU A 261 -10.47 9.82 11.19
C LEU A 261 -11.11 10.11 12.53
N GLY A 262 -11.71 11.28 12.70
CA GLY A 262 -12.41 11.57 13.93
C GLY A 262 -11.48 11.62 15.13
N SER A 263 -12.07 11.47 16.30
CA SER A 263 -11.29 11.52 17.53
C SER A 263 -11.97 10.68 18.58
N GLY A 264 -11.27 10.46 19.69
CA GLY A 264 -11.84 9.80 20.84
C GLY A 264 -11.43 8.34 20.94
N THR A 265 -11.69 7.78 22.11
CA THR A 265 -11.37 6.39 22.38
C THR A 265 -12.53 5.48 22.00
N ARG A 266 -12.21 4.19 21.88
CA ARG A 266 -13.20 3.16 21.66
C ARG A 266 -13.33 2.26 22.88
N ALA A 267 -14.55 1.85 23.15
CA ALA A 267 -14.80 0.86 24.19
C ALA A 267 -14.49 -0.52 23.64
N VAL A 268 -13.66 -1.27 24.35
CA VAL A 268 -13.47 -2.69 24.06
C VAL A 268 -13.57 -3.47 25.38
#